data_5YID
#
_entry.id   5YID
#
_cell.length_a   107.600
_cell.length_b   107.600
_cell.length_c   72.560
_cell.angle_alpha   90.00
_cell.angle_beta   90.00
_cell.angle_gamma   90.00
#
_symmetry.space_group_name_H-M   'I 4'
#
loop_
_entity.id
_entity.type
_entity.pdbx_description
1 polymer 'Plasmepsin II'
2 non-polymer '(4R)-N-[(1S,2R)-2-hydroxy-2,3-dihydro-1H-inden-1-yl]-3-[(2S,3S)-2-hydroxy-3-{[S-methyl-N-(phenylacetyl)-L-cysteinyl]ami no}-4-phenylbutanoyl]-5,5-dimethyl-1,3-thiazolidine-4-carboxamide'
3 non-polymer 3-[(3-CHOLAMIDOPROPYL)DIMETHYLAMMONIO]-1-PROPANESULFONATE
4 non-polymer 'SODIUM ION'
5 water water
#
_entity_poly.entity_id   1
_entity_poly.type   'polypeptide(L)'
_entity_poly.pdbx_seq_one_letter_code
;NDNIELVDFQNIMFYGDAEVGDNQQPFTFILDTGSANLWVPSVKCTTAGCLTKHLYDSSKSRTYEKDGTKVEMNYVSGTV
SGFFSKDLVTVGNLSLPYKFIEVIDTNGFEPTYTASTFDGILGLGWKDLSIGSVDPIVVELKNQNKIENALFTFYLPVHD
KHTGFLTIGGIEERFYEGPLTYEKLNHDLYWQITLDAHVGNIMLEKANCIVDSGTSAITVPTDFLNKMLQNLDVIKVPFL
PFYVTLCNNSKLPTFEFTSENGKYTLEPEYYLQHIEDVGPGLCMLNIIGLDFPVPTFILGDPFMRKYFTVFDYDNQSVGI
ALAKKNL
;
_entity_poly.pdbx_strand_id   A
#
# COMPACT_ATOMS: atom_id res chain seq x y z
N ASN A 1 14.56 16.21 -5.33
CA ASN A 1 13.69 15.18 -4.63
C ASN A 1 14.26 13.79 -4.81
N ASP A 2 14.31 13.03 -3.71
CA ASP A 2 14.78 11.65 -3.79
C ASP A 2 13.68 10.70 -4.24
N ASN A 3 14.07 9.77 -5.12
CA ASN A 3 13.18 8.87 -5.79
C ASN A 3 13.63 7.45 -5.50
N ILE A 4 12.65 6.56 -5.41
CA ILE A 4 12.87 5.14 -5.17
C ILE A 4 12.07 4.44 -6.24
N GLU A 5 12.74 3.64 -7.06
CA GLU A 5 12.07 2.91 -8.13
C GLU A 5 11.12 1.85 -7.55
N LEU A 6 9.97 1.69 -8.19
CA LEU A 6 8.94 0.76 -7.74
C LEU A 6 8.75 -0.27 -8.81
N VAL A 7 8.95 -1.55 -8.45
CA VAL A 7 8.79 -2.67 -9.38
C VAL A 7 7.48 -3.42 -9.09
N ASP A 8 6.78 -3.79 -10.17
CA ASP A 8 5.55 -4.57 -10.08
C ASP A 8 5.84 -6.05 -9.85
N PHE A 9 5.07 -6.69 -8.96
CA PHE A 9 5.13 -8.13 -8.79
C PHE A 9 3.78 -8.73 -9.15
N GLN A 10 3.72 -9.28 -10.37
CA GLN A 10 2.57 -10.04 -10.87
C GLN A 10 1.23 -9.29 -10.78
N ASN A 11 1.31 -7.96 -10.91
CA ASN A 11 0.14 -7.07 -10.92
C ASN A 11 -0.82 -7.13 -9.71
N ILE A 12 -0.32 -7.72 -8.62
CA ILE A 12 -1.02 -7.74 -7.32
C ILE A 12 -0.40 -6.70 -6.40
N MET A 13 0.93 -6.63 -6.38
CA MET A 13 1.63 -5.72 -5.49
C MET A 13 2.86 -5.08 -6.18
N PHE A 14 3.49 -4.17 -5.46
CA PHE A 14 4.73 -3.55 -5.89
C PHE A 14 5.69 -3.46 -4.71
N TYR A 15 6.97 -3.29 -5.02
CA TYR A 15 8.04 -3.12 -4.03
C TYR A 15 9.01 -2.01 -4.42
N GLY A 16 9.72 -1.52 -3.40
CA GLY A 16 10.92 -0.70 -3.57
C GLY A 16 11.96 -1.14 -2.56
N ASP A 17 13.22 -0.84 -2.87
CA ASP A 17 14.35 -1.27 -2.06
C ASP A 17 14.86 -0.15 -1.17
N ALA A 18 15.45 -0.52 -0.04
CA ALA A 18 16.06 0.43 0.88
C ALA A 18 17.08 -0.30 1.77
N GLU A 19 17.92 0.46 2.48
CA GLU A 19 19.01 -0.13 3.27
C GLU A 19 18.89 0.12 4.75
N VAL A 20 19.32 -0.87 5.53
CA VAL A 20 19.31 -0.81 6.97
C VAL A 20 20.67 -1.30 7.41
N GLY A 21 21.46 -0.41 8.03
CA GLY A 21 22.79 -0.75 8.48
C GLY A 21 23.84 -0.11 7.60
N ASP A 22 24.99 0.23 8.22
CA ASP A 22 26.13 0.84 7.50
C ASP A 22 26.90 -0.20 6.71
N ASN A 23 26.54 -1.47 6.89
CA ASN A 23 27.06 -2.55 6.07
C ASN A 23 26.42 -2.55 4.69
N GLN A 24 25.38 -1.72 4.51
CA GLN A 24 24.70 -1.46 3.24
C GLN A 24 23.86 -2.68 2.85
N GLN A 25 23.29 -3.31 3.86
CA GLN A 25 22.55 -4.55 3.73
C GLN A 25 21.23 -4.19 2.97
N PRO A 26 21.02 -4.74 1.73
CA PRO A 26 19.93 -4.26 0.85
C PRO A 26 18.62 -5.08 0.92
N PHE A 27 17.49 -4.41 1.20
CA PHE A 27 16.22 -5.08 1.47
C PHE A 27 15.11 -4.63 0.53
N THR A 28 14.22 -5.55 0.19
CA THR A 28 13.04 -5.26 -0.64
C THR A 28 11.83 -5.10 0.27
N PHE A 29 11.14 -3.96 0.16
CA PHE A 29 10.00 -3.65 1.01
C PHE A 29 8.69 -3.48 0.27
N ILE A 30 7.63 -4.01 0.86
CA ILE A 30 6.30 -3.45 0.65
C ILE A 30 6.30 -2.06 1.30
N LEU A 31 5.81 -1.08 0.55
CA LEU A 31 5.76 0.29 1.01
C LEU A 31 4.31 0.59 1.35
N ASP A 32 4.02 0.67 2.64
CA ASP A 32 2.65 0.60 3.17
C ASP A 32 2.22 1.89 3.87
N THR A 33 1.40 2.70 3.21
CA THR A 33 0.85 3.92 3.81
C THR A 33 -0.08 3.66 5.02
N GLY A 34 -0.66 2.46 5.12
CA GLY A 34 -1.55 2.14 6.23
C GLY A 34 -0.91 1.56 7.48
N SER A 35 0.41 1.42 7.52
CA SER A 35 1.11 1.09 8.77
C SER A 35 2.28 2.08 9.00
N ALA A 36 2.81 2.04 10.22
CA ALA A 36 3.80 3.05 10.65
C ALA A 36 5.02 2.46 11.33
N ASN A 37 5.35 1.21 11.00
CA ASN A 37 6.60 0.59 11.47
C ASN A 37 7.38 0.01 10.31
N LEU A 38 8.68 0.00 10.49
CA LEU A 38 9.62 -0.62 9.56
C LEU A 38 10.10 -1.92 10.18
N TRP A 39 10.16 -2.98 9.37
CA TRP A 39 10.83 -4.20 9.80
C TRP A 39 11.58 -4.92 8.71
N VAL A 40 12.60 -5.67 9.15
CA VAL A 40 13.41 -6.53 8.28
C VAL A 40 13.61 -7.86 9.00
N PRO A 41 13.72 -8.98 8.25
CA PRO A 41 13.98 -10.28 8.87
C PRO A 41 15.43 -10.37 9.34
N SER A 42 15.65 -10.89 10.53
CA SER A 42 16.97 -11.02 11.15
C SER A 42 17.69 -12.32 10.78
N VAL A 43 19.02 -12.31 10.81
CA VAL A 43 19.79 -13.55 10.77
C VAL A 43 19.44 -14.49 11.94
N LYS A 44 18.87 -13.94 13.02
CA LYS A 44 18.39 -14.75 14.14
C LYS A 44 17.01 -15.41 13.93
N CYS A 45 16.39 -15.21 12.76
CA CYS A 45 15.09 -15.83 12.41
C CYS A 45 15.11 -17.34 12.56
N THR A 46 14.12 -17.88 13.26
CA THR A 46 14.00 -19.33 13.48
C THR A 46 13.11 -20.05 12.44
N THR A 47 12.54 -19.32 11.49
CA THR A 47 11.44 -19.85 10.66
C THR A 47 11.78 -19.99 9.19
N ALA A 48 11.03 -20.87 8.53
CA ALA A 48 11.28 -21.28 7.14
C ALA A 48 11.13 -20.12 6.17
N GLY A 49 10.19 -19.24 6.44
CA GLY A 49 9.98 -18.05 5.60
C GLY A 49 11.24 -17.22 5.40
N CYS A 50 12.12 -17.19 6.41
CA CYS A 50 13.37 -16.41 6.33
C CYS A 50 14.46 -16.99 5.44
N LEU A 51 14.27 -18.26 5.03
CA LEU A 51 15.21 -18.99 4.15
C LEU A 51 15.67 -18.23 2.91
N THR A 52 14.74 -17.59 2.20
CA THR A 52 15.05 -17.01 0.90
C THR A 52 15.13 -15.50 0.94
N LYS A 53 15.22 -14.93 2.14
CA LYS A 53 15.15 -13.48 2.30
C LYS A 53 16.55 -12.91 2.53
N HIS A 54 16.71 -11.63 2.20
CA HIS A 54 17.89 -10.85 2.65
C HIS A 54 17.67 -10.64 4.14
N LEU A 55 18.65 -11.06 4.96
CA LEU A 55 18.52 -11.04 6.41
C LEU A 55 19.41 -9.99 7.05
N TYR A 56 18.92 -9.33 8.10
CA TYR A 56 19.70 -8.25 8.76
C TYR A 56 20.64 -8.80 9.85
N ASP A 57 21.92 -8.39 9.77
CA ASP A 57 22.97 -8.87 10.65
C ASP A 57 23.59 -7.70 11.37
N SER A 58 23.03 -7.41 12.55
CA SER A 58 23.47 -6.29 13.38
C SER A 58 24.93 -6.37 13.84
N SER A 59 25.50 -7.58 13.92
CA SER A 59 26.92 -7.75 14.21
C SER A 59 27.82 -7.21 13.09
N LYS A 60 27.32 -7.11 11.86
CA LYS A 60 28.09 -6.53 10.76
C LYS A 60 27.91 -5.03 10.54
N SER A 61 27.05 -4.41 11.37
CA SER A 61 26.81 -2.98 11.34
C SER A 61 27.41 -2.32 12.58
N ARG A 62 28.32 -1.38 12.33
CA ARG A 62 28.91 -0.55 13.39
C ARG A 62 28.01 0.63 13.84
N THR A 63 27.01 1.00 13.05
CA THR A 63 25.99 1.98 13.50
C THR A 63 24.78 1.36 14.23
N TYR A 64 24.79 0.04 14.37
CA TYR A 64 23.77 -0.66 15.16
C TYR A 64 23.76 -0.23 16.61
N GLU A 65 22.58 0.12 17.11
CA GLU A 65 22.35 0.36 18.53
C GLU A 65 21.28 -0.60 19.05
N LYS A 66 21.69 -1.45 19.99
CA LYS A 66 20.81 -2.43 20.62
C LYS A 66 19.65 -1.77 21.35
N ASP A 67 18.53 -2.49 21.39
CA ASP A 67 17.35 -2.12 22.13
C ASP A 67 16.63 -3.45 22.23
N GLY A 68 16.72 -4.15 23.37
CA GLY A 68 16.11 -5.52 23.37
C GLY A 68 14.57 -5.69 23.29
N THR A 69 13.81 -4.61 23.15
CA THR A 69 12.37 -4.61 23.45
C THR A 69 11.51 -5.47 22.50
N LYS A 70 10.81 -6.45 23.08
CA LYS A 70 10.07 -7.43 22.31
C LYS A 70 8.81 -6.79 21.75
N VAL A 71 8.44 -7.20 20.54
CA VAL A 71 7.34 -6.55 19.82
C VAL A 71 6.76 -7.51 18.80
N GLU A 72 5.44 -7.43 18.62
CA GLU A 72 4.81 -8.08 17.49
C GLU A 72 3.93 -7.10 16.73
N MET A 73 3.92 -7.24 15.42
CA MET A 73 3.08 -6.45 14.51
C MET A 73 1.95 -7.34 14.03
N ASN A 74 0.71 -7.01 14.38
CA ASN A 74 -0.45 -7.80 13.97
C ASN A 74 -1.11 -7.14 12.78
N TYR A 75 -0.94 -7.73 11.60
CA TYR A 75 -1.59 -7.22 10.39
C TYR A 75 -2.87 -8.00 10.09
N VAL A 76 -3.71 -7.48 9.19
CA VAL A 76 -4.86 -8.26 8.73
C VAL A 76 -4.46 -9.58 8.05
N SER A 77 -3.27 -9.62 7.45
CA SER A 77 -2.76 -10.80 6.75
CA SER A 77 -2.77 -10.81 6.76
C SER A 77 -1.93 -11.72 7.67
N GLY A 78 -1.71 -11.34 8.92
CA GLY A 78 -0.89 -12.14 9.82
C GLY A 78 0.01 -11.33 10.74
N THR A 79 0.83 -12.05 11.49
CA THR A 79 1.68 -11.48 12.52
C THR A 79 3.14 -11.87 12.29
N VAL A 80 4.04 -10.92 12.54
CA VAL A 80 5.48 -11.15 12.62
C VAL A 80 5.94 -10.62 13.97
N SER A 81 6.95 -11.25 14.55
CA SER A 81 7.42 -10.81 15.85
C SER A 81 8.94 -10.86 15.95
N GLY A 82 9.45 -10.22 16.99
CA GLY A 82 10.89 -10.06 17.24
C GLY A 82 11.12 -8.92 18.20
N PHE A 83 12.07 -8.05 17.90
CA PHE A 83 12.53 -7.02 18.84
C PHE A 83 12.97 -5.75 18.15
N PHE A 84 12.94 -4.65 18.89
CA PHE A 84 13.36 -3.37 18.35
C PHE A 84 14.90 -3.29 18.27
N SER A 85 15.39 -2.57 17.26
CA SER A 85 16.80 -2.32 17.07
C SER A 85 16.87 -0.97 16.44
N LYS A 86 18.02 -0.34 16.55
CA LYS A 86 18.24 0.94 15.92
C LYS A 86 19.49 0.87 15.05
N ASP A 87 19.40 1.53 13.90
CA ASP A 87 20.47 1.54 12.92
C ASP A 87 20.14 2.60 11.86
N LEU A 88 21.11 2.88 11.01
CA LEU A 88 20.95 3.83 9.90
C LEU A 88 20.07 3.24 8.81
N VAL A 89 18.98 3.93 8.52
CA VAL A 89 18.11 3.56 7.40
C VAL A 89 18.35 4.54 6.27
N THR A 90 18.47 4.01 5.06
CA THR A 90 18.74 4.80 3.88
C THR A 90 17.65 4.58 2.84
N VAL A 91 16.95 5.66 2.49
CA VAL A 91 15.94 5.63 1.44
C VAL A 91 16.33 6.57 0.29
N GLY A 92 16.68 5.98 -0.84
CA GLY A 92 17.31 6.70 -1.95
C GLY A 92 18.66 7.19 -1.51
N ASN A 93 18.84 8.50 -1.52
CA ASN A 93 20.02 9.18 -0.96
C ASN A 93 19.71 9.96 0.32
N LEU A 94 18.75 9.46 1.12
CA LEU A 94 18.37 10.11 2.38
C LEU A 94 18.57 9.08 3.49
N SER A 95 19.37 9.42 4.49
CA SER A 95 19.68 8.52 5.59
C SER A 95 19.29 9.15 6.92
N LEU A 96 18.82 8.33 7.86
CA LEU A 96 18.67 8.76 9.23
C LEU A 96 18.66 7.57 10.19
N PRO A 97 19.26 7.74 11.39
CA PRO A 97 19.14 6.71 12.42
C PRO A 97 17.67 6.45 12.69
N TYR A 98 17.30 5.20 12.89
CA TYR A 98 15.90 4.88 12.96
C TYR A 98 15.66 3.63 13.79
N LYS A 99 14.52 3.61 14.47
CA LYS A 99 14.09 2.47 15.26
C LYS A 99 13.18 1.61 14.41
N PHE A 100 13.50 0.31 14.36
CA PHE A 100 12.79 -0.65 13.54
C PHE A 100 12.76 -1.99 14.26
N ILE A 101 11.99 -2.91 13.71
CA ILE A 101 11.82 -4.22 14.32
C ILE A 101 12.68 -5.25 13.58
N GLU A 102 13.44 -5.99 14.37
CA GLU A 102 14.17 -7.14 13.90
C GLU A 102 13.31 -8.37 14.10
N VAL A 103 12.79 -8.91 12.99
CA VAL A 103 11.81 -10.00 13.01
C VAL A 103 12.53 -11.34 13.09
N ILE A 104 12.20 -12.15 14.09
CA ILE A 104 12.76 -13.51 14.22
C ILE A 104 11.75 -14.65 13.98
N ASP A 105 10.47 -14.33 13.88
CA ASP A 105 9.44 -15.33 13.66
C ASP A 105 8.38 -14.77 12.71
N THR A 106 8.28 -15.39 11.55
CA THR A 106 7.36 -15.01 10.49
C THR A 106 6.31 -16.10 10.20
N ASN A 107 6.25 -17.13 11.05
CA ASN A 107 5.30 -18.23 10.82
C ASN A 107 3.84 -17.77 10.81
N GLY A 108 3.49 -16.80 11.66
CA GLY A 108 2.16 -16.23 11.66
C GLY A 108 1.84 -15.33 10.47
N PHE A 109 2.79 -15.14 9.54
CA PHE A 109 2.59 -14.28 8.36
C PHE A 109 2.63 -15.13 7.09
N GLU A 110 2.31 -16.42 7.25
CA GLU A 110 2.20 -17.34 6.14
C GLU A 110 0.73 -17.47 5.76
N PRO A 111 0.42 -17.66 4.49
CA PRO A 111 1.36 -17.93 3.39
C PRO A 111 1.85 -16.68 2.62
N THR A 112 1.36 -15.49 2.97
CA THR A 112 1.80 -14.25 2.33
C THR A 112 3.35 -14.12 2.22
N TYR A 113 4.06 -14.42 3.30
CA TYR A 113 5.53 -14.18 3.34
C TYR A 113 6.35 -15.06 2.38
N THR A 114 6.22 -16.37 2.52
CA THR A 114 6.96 -17.31 1.67
C THR A 114 6.47 -17.25 0.23
N ALA A 115 5.22 -16.85 0.02
CA ALA A 115 4.68 -16.69 -1.32
C ALA A 115 5.41 -15.64 -2.14
N SER A 116 5.55 -14.44 -1.59
CA SER A 116 6.06 -13.28 -2.35
CA SER A 116 6.07 -13.31 -2.36
C SER A 116 7.54 -13.02 -2.10
N THR A 117 8.11 -12.12 -2.91
CA THR A 117 9.56 -11.87 -2.89
C THR A 117 10.03 -10.63 -2.09
N PHE A 118 9.19 -10.07 -1.22
CA PHE A 118 9.59 -8.95 -0.37
C PHE A 118 10.29 -9.47 0.88
N ASP A 119 11.15 -8.66 1.47
CA ASP A 119 11.83 -9.01 2.72
C ASP A 119 11.10 -8.49 3.93
N GLY A 120 10.57 -7.27 3.82
CA GLY A 120 9.98 -6.56 4.94
C GLY A 120 8.94 -5.52 4.52
N ILE A 121 8.46 -4.79 5.51
CA ILE A 121 7.45 -3.74 5.29
C ILE A 121 8.00 -2.45 5.84
N LEU A 122 7.84 -1.39 5.07
CA LEU A 122 8.27 -0.06 5.47
C LEU A 122 7.00 0.77 5.57
N GLY A 123 6.63 1.11 6.80
CA GLY A 123 5.45 1.93 7.04
C GLY A 123 5.60 3.37 6.57
N LEU A 124 4.50 3.94 6.04
CA LEU A 124 4.42 5.36 5.63
C LEU A 124 3.14 6.05 6.18
N GLY A 125 2.72 5.60 7.37
CA GLY A 125 1.60 6.16 8.09
C GLY A 125 1.98 7.25 9.07
N TRP A 126 1.07 7.44 10.01
CA TRP A 126 1.16 8.47 11.01
C TRP A 126 1.70 7.87 12.30
N LYS A 127 2.27 8.74 13.12
CA LYS A 127 3.06 8.36 14.28
C LYS A 127 2.25 7.64 15.33
N ASP A 128 1.05 8.15 15.59
CA ASP A 128 0.17 7.51 16.57
C ASP A 128 -0.28 6.08 16.15
N LEU A 129 -0.11 5.72 14.87
CA LEU A 129 -0.29 4.33 14.43
C LEU A 129 0.91 3.39 14.68
N SER A 130 2.08 3.93 15.03
CA SER A 130 3.28 3.12 15.22
C SER A 130 3.24 2.44 16.58
N ILE A 131 3.86 1.26 16.69
CA ILE A 131 4.27 0.69 17.98
C ILE A 131 5.66 1.26 18.31
N GLY A 132 5.89 1.47 19.59
CA GLY A 132 7.15 2.00 20.10
C GLY A 132 7.31 3.48 19.86
N SER A 133 6.25 4.15 19.42
CA SER A 133 6.20 5.59 19.24
C SER A 133 7.29 6.16 18.31
N VAL A 134 7.29 5.70 17.06
CA VAL A 134 8.31 6.04 16.07
C VAL A 134 7.83 7.15 15.14
N ASP A 135 8.61 8.22 15.03
CA ASP A 135 8.31 9.32 14.12
C ASP A 135 8.41 8.80 12.71
N PRO A 136 7.46 9.18 11.83
CA PRO A 136 7.59 8.66 10.46
C PRO A 136 8.83 9.20 9.77
N ILE A 137 9.35 8.39 8.85
CA ILE A 137 10.58 8.68 8.14
C ILE A 137 10.50 10.02 7.43
N VAL A 138 9.41 10.27 6.71
CA VAL A 138 9.29 11.53 5.97
C VAL A 138 9.25 12.76 6.89
N VAL A 139 8.56 12.66 8.04
CA VAL A 139 8.48 13.81 8.96
C VAL A 139 9.83 14.08 9.67
N GLU A 140 10.64 13.04 9.92
CA GLU A 140 11.98 13.24 10.48
CA GLU A 140 11.99 13.25 10.48
C GLU A 140 12.92 13.88 9.47
N LEU A 141 12.84 13.42 8.22
CA LEU A 141 13.67 13.97 7.14
C LEU A 141 13.38 15.45 6.88
N LYS A 142 12.08 15.77 6.91
CA LYS A 142 11.58 17.14 6.99
C LYS A 142 12.22 17.88 8.17
N ASN A 143 11.98 17.39 9.39
CA ASN A 143 12.50 18.02 10.62
C ASN A 143 14.01 18.26 10.58
N GLN A 144 14.74 17.25 10.13
CA GLN A 144 16.18 17.32 9.95
C GLN A 144 16.60 18.16 8.72
N ASN A 145 15.63 18.62 7.93
CA ASN A 145 15.85 19.51 6.79
C ASN A 145 16.64 18.89 5.64
N LYS A 146 16.37 17.61 5.39
CA LYS A 146 16.94 16.88 4.24
C LYS A 146 15.99 16.87 3.05
N ILE A 147 14.77 17.36 3.26
CA ILE A 147 13.79 17.51 2.21
C ILE A 147 13.00 18.77 2.46
N GLU A 148 12.51 19.37 1.37
CA GLU A 148 11.71 20.60 1.45
C GLU A 148 10.47 20.35 2.30
N ASN A 149 9.62 19.44 1.85
CA ASN A 149 8.29 19.24 2.40
C ASN A 149 8.10 17.90 3.07
N ALA A 150 7.27 17.87 4.11
CA ALA A 150 6.85 16.64 4.75
C ALA A 150 5.76 15.98 3.89
N LEU A 151 6.16 15.44 2.75
CA LEU A 151 5.24 14.75 1.86
C LEU A 151 5.97 13.71 1.02
N PHE A 152 5.20 12.69 0.61
CA PHE A 152 5.65 11.72 -0.38
C PHE A 152 4.56 11.46 -1.43
N THR A 153 4.98 10.79 -2.49
CA THR A 153 4.27 10.75 -3.76
C THR A 153 4.33 9.31 -4.27
N PHE A 154 3.25 8.83 -4.86
CA PHE A 154 3.20 7.50 -5.49
C PHE A 154 2.79 7.56 -6.95
N TYR A 155 3.71 7.13 -7.81
CA TYR A 155 3.46 6.89 -9.22
C TYR A 155 3.72 5.40 -9.37
N LEU A 156 2.65 4.61 -9.42
CA LEU A 156 2.79 3.16 -9.36
C LEU A 156 3.22 2.56 -10.69
N PRO A 157 4.01 1.47 -10.65
CA PRO A 157 4.32 0.77 -11.90
C PRO A 157 3.06 0.14 -12.49
N VAL A 158 3.03 -0.12 -13.79
CA VAL A 158 1.93 -0.89 -14.36
C VAL A 158 2.54 -2.10 -15.06
N HIS A 159 1.98 -3.26 -14.76
CA HIS A 159 2.42 -4.56 -15.27
C HIS A 159 2.68 -4.51 -16.79
N ASP A 160 3.89 -4.91 -17.19
CA ASP A 160 4.34 -4.99 -18.59
C ASP A 160 4.31 -3.69 -19.41
N LYS A 161 4.33 -2.52 -18.75
CA LYS A 161 4.36 -1.23 -19.48
C LYS A 161 5.37 -0.19 -18.96
N HIS A 162 5.42 0.01 -17.64
CA HIS A 162 6.46 0.90 -17.06
C HIS A 162 6.73 0.61 -15.57
N THR A 163 7.79 1.23 -15.05
CA THR A 163 8.13 1.18 -13.62
C THR A 163 7.47 2.35 -12.89
N GLY A 164 7.61 2.36 -11.58
CA GLY A 164 7.04 3.42 -10.75
C GLY A 164 8.09 4.10 -9.90
N PHE A 165 7.67 5.18 -9.25
CA PHE A 165 8.49 5.85 -8.24
C PHE A 165 7.69 6.25 -7.02
N LEU A 166 8.28 5.99 -5.86
CA LEU A 166 7.98 6.72 -4.64
C LEU A 166 8.89 7.95 -4.68
N THR A 167 8.32 9.16 -4.67
CA THR A 167 9.12 10.43 -4.59
C THR A 167 8.90 11.03 -3.20
N ILE A 168 10.00 11.35 -2.53
CA ILE A 168 9.95 11.93 -1.18
C ILE A 168 10.30 13.44 -1.24
N GLY A 169 9.52 14.25 -0.52
CA GLY A 169 9.86 15.62 -0.25
C GLY A 169 9.30 16.69 -1.17
N GLY A 170 8.76 16.31 -2.32
CA GLY A 170 8.24 17.27 -3.29
C GLY A 170 7.56 16.65 -4.49
N ILE A 171 6.67 17.42 -5.11
CA ILE A 171 5.76 16.94 -6.15
C ILE A 171 6.30 17.23 -7.54
N GLU A 172 6.44 16.19 -8.36
CA GLU A 172 6.94 16.32 -9.72
C GLU A 172 5.81 16.21 -10.73
N GLU A 173 5.56 17.32 -11.40
CA GLU A 173 4.60 17.49 -12.51
C GLU A 173 4.56 16.41 -13.61
N ARG A 174 5.71 15.79 -13.87
CA ARG A 174 5.83 14.73 -14.90
C ARG A 174 4.98 13.47 -14.67
N PHE A 175 4.61 13.20 -13.43
CA PHE A 175 3.90 11.95 -13.09
C PHE A 175 2.43 11.89 -13.49
N TYR A 176 1.80 13.04 -13.74
CA TYR A 176 0.35 13.10 -13.93
C TYR A 176 -0.10 14.15 -14.93
N GLU A 177 -1.26 13.91 -15.55
CA GLU A 177 -1.92 14.90 -16.41
C GLU A 177 -3.24 15.32 -15.78
N GLY A 178 -3.76 16.45 -16.23
CA GLY A 178 -4.98 17.03 -15.68
C GLY A 178 -4.74 17.74 -14.36
N PRO A 179 -5.82 18.15 -13.67
CA PRO A 179 -5.68 18.84 -12.39
C PRO A 179 -5.28 17.90 -11.25
N LEU A 180 -4.50 18.42 -10.31
CA LEU A 180 -4.17 17.75 -9.05
C LEU A 180 -5.06 18.31 -7.96
N THR A 181 -5.93 17.46 -7.42
CA THR A 181 -6.96 17.84 -6.44
C THR A 181 -6.60 17.34 -5.05
N TYR A 182 -6.55 18.26 -4.08
CA TYR A 182 -6.28 17.91 -2.69
C TYR A 182 -7.56 17.66 -1.91
N GLU A 183 -7.54 16.61 -1.07
CA GLU A 183 -8.66 16.21 -0.24
C GLU A 183 -8.21 16.19 1.22
N LYS A 184 -8.87 16.95 2.08
CA LYS A 184 -8.45 17.06 3.49
C LYS A 184 -8.69 15.74 4.16
N LEU A 185 -7.84 15.38 5.11
CA LEU A 185 -8.03 14.18 5.89
C LEU A 185 -9.18 14.38 6.88
N ASN A 186 -10.06 13.39 6.98
CA ASN A 186 -11.16 13.44 7.96
C ASN A 186 -10.81 12.74 9.28
N HIS A 187 -9.56 12.30 9.40
CA HIS A 187 -9.04 11.65 10.59
C HIS A 187 -7.62 12.18 10.85
N ASP A 188 -7.22 12.16 12.11
CA ASP A 188 -5.89 12.62 12.52
C ASP A 188 -4.72 11.76 12.03
N LEU A 189 -4.93 10.46 11.95
CA LEU A 189 -3.85 9.50 11.84
C LEU A 189 -4.00 8.39 10.80
N TYR A 190 -4.86 8.60 9.79
CA TYR A 190 -5.00 7.69 8.65
C TYR A 190 -5.10 8.55 7.41
N TRP A 191 -4.69 8.00 6.29
CA TRP A 191 -4.83 8.69 5.00
C TRP A 191 -6.27 8.44 4.51
N GLN A 192 -7.21 9.04 5.24
CA GLN A 192 -8.63 8.76 5.10
C GLN A 192 -9.31 10.08 4.77
N ILE A 193 -10.14 10.07 3.73
CA ILE A 193 -10.84 11.25 3.24
C ILE A 193 -12.34 10.92 3.06
N THR A 194 -13.14 11.95 2.90
CA THR A 194 -14.59 11.80 2.73
C THR A 194 -14.96 11.94 1.25
N LEU A 195 -15.67 10.96 0.74
CA LEU A 195 -16.14 10.96 -0.65
C LEU A 195 -17.48 10.26 -0.74
N ASP A 196 -18.36 10.75 -1.62
CA ASP A 196 -19.57 10.03 -1.98
C ASP A 196 -19.17 8.91 -2.92
N ALA A 197 -19.63 7.69 -2.63
CA ALA A 197 -19.32 6.51 -3.43
C ALA A 197 -20.55 6.09 -4.25
N HIS A 198 -20.38 5.96 -5.57
CA HIS A 198 -21.46 5.57 -6.50
C HIS A 198 -20.98 4.38 -7.29
N VAL A 199 -21.79 3.32 -7.30
CA VAL A 199 -21.62 2.20 -8.23
C VAL A 199 -23.00 1.91 -8.81
N GLY A 200 -23.23 2.36 -10.05
CA GLY A 200 -24.54 2.22 -10.69
C GLY A 200 -25.57 3.04 -9.92
N ASN A 201 -26.64 2.39 -9.48
CA ASN A 201 -27.66 3.06 -8.66
C ASN A 201 -27.37 2.97 -7.16
N ILE A 202 -26.33 2.25 -6.77
CA ILE A 202 -26.00 2.10 -5.34
C ILE A 202 -25.14 3.27 -4.95
N MET A 203 -25.50 3.94 -3.86
CA MET A 203 -24.78 5.12 -3.42
C MET A 203 -24.60 5.11 -1.90
N LEU A 204 -23.39 5.48 -1.47
CA LEU A 204 -23.09 5.80 -0.08
C LEU A 204 -22.52 7.22 -0.01
N GLU A 205 -23.21 8.09 0.70
CA GLU A 205 -22.85 9.49 0.80
C GLU A 205 -21.83 9.67 1.92
N LYS A 206 -20.86 10.56 1.72
CA LYS A 206 -19.84 10.89 2.74
C LYS A 206 -19.20 9.64 3.36
N ALA A 207 -18.79 8.73 2.49
CA ALA A 207 -18.15 7.49 2.90
C ALA A 207 -16.71 7.79 3.29
N ASN A 208 -16.20 7.13 4.33
CA ASN A 208 -14.75 7.12 4.59
C ASN A 208 -14.00 6.33 3.53
N CYS A 209 -12.99 6.95 2.91
CA CYS A 209 -12.17 6.30 1.88
C CYS A 209 -10.69 6.41 2.26
N ILE A 210 -10.05 5.27 2.46
CA ILE A 210 -8.65 5.19 2.87
C ILE A 210 -7.82 4.96 1.62
N VAL A 211 -6.88 5.88 1.34
CA VAL A 211 -5.96 5.66 0.23
C VAL A 211 -4.85 4.83 0.83
N ASP A 212 -4.64 3.66 0.24
CA ASP A 212 -3.76 2.68 0.83
C ASP A 212 -2.92 1.88 -0.17
N SER A 213 -1.61 1.91 0.03
CA SER A 213 -0.67 1.35 -0.93
C SER A 213 -0.44 -0.13 -0.78
N GLY A 214 -0.69 -0.67 0.41
CA GLY A 214 -0.40 -2.10 0.68
C GLY A 214 -1.55 -3.06 0.45
N THR A 215 -2.74 -2.54 0.18
CA THR A 215 -3.90 -3.38 -0.09
C THR A 215 -4.11 -3.52 -1.61
N SER A 216 -4.15 -4.77 -2.09
CA SER A 216 -4.25 -5.09 -3.52
CA SER A 216 -4.25 -5.00 -3.54
C SER A 216 -5.69 -5.07 -4.05
N ALA A 217 -6.60 -4.38 -3.39
CA ALA A 217 -8.01 -4.47 -3.72
C ALA A 217 -8.68 -3.14 -3.48
N ILE A 218 -9.84 -2.98 -4.09
CA ILE A 218 -10.81 -2.03 -3.60
C ILE A 218 -11.60 -2.81 -2.55
N THR A 219 -11.67 -2.32 -1.31
CA THR A 219 -12.58 -2.92 -0.35
C THR A 219 -13.84 -2.06 -0.21
N VAL A 220 -14.96 -2.76 0.02
CA VAL A 220 -16.28 -2.19 -0.09
C VAL A 220 -17.09 -2.72 1.12
N PRO A 221 -18.00 -1.89 1.68
CA PRO A 221 -18.87 -2.46 2.70
C PRO A 221 -19.69 -3.66 2.20
N THR A 222 -19.87 -4.66 3.06
CA THR A 222 -20.42 -5.94 2.63
C THR A 222 -21.84 -5.79 2.08
N ASP A 223 -22.68 -5.00 2.74
CA ASP A 223 -24.05 -4.73 2.22
C ASP A 223 -24.03 -4.06 0.84
N PHE A 224 -23.13 -3.09 0.66
CA PHE A 224 -22.92 -2.38 -0.61
C PHE A 224 -22.49 -3.38 -1.69
N LEU A 225 -21.56 -4.27 -1.36
CA LEU A 225 -21.09 -5.29 -2.30
C LEU A 225 -22.21 -6.26 -2.71
N ASN A 226 -22.97 -6.73 -1.73
CA ASN A 226 -24.19 -7.53 -1.95
CA ASN A 226 -24.02 -7.68 -2.01
C ASN A 226 -25.05 -7.01 -3.04
N LYS A 227 -25.29 -5.71 -2.92
CA LYS A 227 -26.17 -5.03 -3.87
C LYS A 227 -25.52 -4.90 -5.23
N MET A 228 -24.22 -4.61 -5.25
CA MET A 228 -23.49 -4.49 -6.52
C MET A 228 -23.52 -5.78 -7.32
N LEU A 229 -23.41 -6.90 -6.62
CA LEU A 229 -23.28 -8.20 -7.28
C LEU A 229 -24.59 -8.87 -7.71
N GLN A 230 -25.71 -8.30 -7.29
CA GLN A 230 -27.04 -8.82 -7.60
C GLN A 230 -27.19 -8.90 -9.12
N ASN A 231 -27.42 -10.09 -9.65
CA ASN A 231 -27.57 -10.28 -11.09
C ASN A 231 -26.41 -9.83 -11.99
N LEU A 232 -25.18 -9.82 -11.44
CA LEU A 232 -24.00 -9.36 -12.14
C LEU A 232 -23.30 -10.43 -12.97
N ASP A 233 -23.73 -11.69 -12.81
CA ASP A 233 -23.17 -12.82 -13.55
C ASP A 233 -21.72 -13.10 -13.16
N VAL A 234 -21.47 -12.95 -11.89
CA VAL A 234 -20.18 -13.15 -11.26
C VAL A 234 -20.35 -14.35 -10.33
N ILE A 235 -19.30 -15.11 -10.07
CA ILE A 235 -19.38 -16.31 -9.23
C ILE A 235 -18.28 -16.28 -8.16
N LYS A 236 -18.69 -16.48 -6.89
CA LYS A 236 -17.75 -16.57 -5.79
C LYS A 236 -16.91 -17.89 -5.82
N VAL A 237 -15.61 -17.76 -5.53
CA VAL A 237 -14.73 -18.91 -5.46
C VAL A 237 -15.09 -19.65 -4.14
N PRO A 238 -15.26 -20.97 -4.18
CA PRO A 238 -15.54 -21.68 -2.96
C PRO A 238 -14.49 -21.44 -1.86
N PHE A 239 -14.98 -21.18 -0.65
CA PHE A 239 -14.15 -20.96 0.58
C PHE A 239 -13.35 -19.66 0.64
N LEU A 240 -13.42 -18.82 -0.41
CA LEU A 240 -12.62 -17.59 -0.44
C LEU A 240 -13.48 -16.41 -0.86
N PRO A 241 -13.12 -15.21 -0.38
CA PRO A 241 -13.96 -14.03 -0.64
C PRO A 241 -13.66 -13.31 -1.96
N PHE A 242 -13.46 -14.10 -3.00
CA PHE A 242 -13.07 -13.62 -4.31
C PHE A 242 -14.12 -14.02 -5.32
N TYR A 243 -14.38 -13.10 -6.23
CA TYR A 243 -15.34 -13.30 -7.29
C TYR A 243 -14.66 -13.39 -8.66
N VAL A 244 -15.15 -14.32 -9.47
CA VAL A 244 -14.66 -14.57 -10.80
C VAL A 244 -15.76 -14.14 -11.80
N THR A 245 -15.31 -13.68 -12.97
CA THR A 245 -16.20 -13.15 -14.00
C THR A 245 -15.59 -13.43 -15.36
N LEU A 246 -16.41 -13.45 -16.41
CA LEU A 246 -15.86 -13.21 -17.76
C LEU A 246 -15.24 -11.81 -17.77
N CYS A 247 -14.01 -11.69 -18.27
CA CYS A 247 -13.35 -10.39 -18.38
C CYS A 247 -14.22 -9.39 -19.13
N ASN A 248 -14.90 -9.81 -20.21
CA ASN A 248 -15.70 -8.81 -20.94
CA ASN A 248 -15.81 -9.11 -21.13
C ASN A 248 -17.20 -8.77 -20.55
N ASN A 249 -17.49 -9.19 -19.31
CA ASN A 249 -18.84 -9.03 -18.72
C ASN A 249 -19.33 -7.58 -18.77
N SER A 250 -20.26 -7.35 -19.67
CA SER A 250 -20.86 -6.04 -19.93
CA SER A 250 -20.90 -6.07 -19.94
C SER A 250 -21.48 -5.33 -18.71
N LYS A 251 -21.87 -6.07 -17.67
CA LYS A 251 -22.46 -5.47 -16.47
C LYS A 251 -21.46 -4.91 -15.44
N LEU A 252 -20.18 -5.24 -15.55
CA LEU A 252 -19.21 -4.78 -14.53
C LEU A 252 -19.22 -3.24 -14.45
N PRO A 253 -19.44 -2.68 -13.24
CA PRO A 253 -19.67 -1.24 -13.11
C PRO A 253 -18.39 -0.42 -12.99
N THR A 254 -18.57 0.90 -12.99
CA THR A 254 -17.48 1.87 -12.77
C THR A 254 -17.74 2.49 -11.43
N PHE A 255 -16.75 2.44 -10.55
CA PHE A 255 -16.85 3.16 -9.29
C PHE A 255 -16.69 4.64 -9.60
N GLU A 256 -17.52 5.46 -8.96
CA GLU A 256 -17.44 6.89 -9.05
C GLU A 256 -17.29 7.43 -7.62
N PHE A 257 -16.18 8.08 -7.36
CA PHE A 257 -15.97 8.77 -6.09
C PHE A 257 -15.91 10.27 -6.32
N THR A 258 -16.57 11.02 -5.45
CA THR A 258 -16.67 12.48 -5.61
C THR A 258 -16.60 13.26 -4.30
N SER A 259 -15.97 14.42 -4.36
CA SER A 259 -15.99 15.40 -3.30
C SER A 259 -16.56 16.68 -3.90
N GLU A 260 -16.62 17.72 -3.07
CA GLU A 260 -16.90 19.06 -3.55
C GLU A 260 -15.79 19.48 -4.52
N ASN A 261 -14.56 19.08 -4.18
CA ASN A 261 -13.40 19.41 -4.99
C ASN A 261 -13.23 18.60 -6.29
N GLY A 262 -13.55 17.30 -6.29
CA GLY A 262 -13.21 16.43 -7.43
C GLY A 262 -14.04 15.20 -7.71
N LYS A 263 -13.70 14.52 -8.81
CA LYS A 263 -14.35 13.29 -9.27
C LYS A 263 -13.31 12.28 -9.70
N TYR A 264 -13.36 11.09 -9.10
CA TYR A 264 -12.42 9.98 -9.35
C TYR A 264 -13.22 8.73 -9.71
N THR A 265 -12.93 8.14 -10.88
CA THR A 265 -13.66 6.95 -11.32
C THR A 265 -12.75 5.74 -11.49
N LEU A 266 -13.32 4.55 -11.30
CA LEU A 266 -12.54 3.33 -11.46
C LEU A 266 -13.29 2.30 -12.28
N GLU A 267 -12.81 2.13 -13.51
CA GLU A 267 -13.46 1.35 -14.56
C GLU A 267 -13.00 -0.10 -14.40
N PRO A 268 -13.73 -1.05 -15.01
CA PRO A 268 -13.36 -2.46 -14.83
C PRO A 268 -11.91 -2.79 -15.16
N GLU A 269 -11.36 -2.16 -16.19
CA GLU A 269 -9.99 -2.45 -16.59
C GLU A 269 -8.96 -2.31 -15.45
N TYR A 270 -9.25 -1.48 -14.45
CA TYR A 270 -8.33 -1.26 -13.34
C TYR A 270 -8.54 -2.24 -12.19
N TYR A 271 -9.73 -2.80 -12.07
CA TYR A 271 -9.99 -3.74 -10.97
C TYR A 271 -10.08 -5.21 -11.36
N LEU A 272 -9.88 -5.55 -12.62
CA LEU A 272 -9.91 -6.94 -13.07
C LEU A 272 -8.50 -7.50 -13.14
N GLN A 273 -8.39 -8.79 -12.86
CA GLN A 273 -7.14 -9.51 -12.84
C GLN A 273 -7.33 -10.73 -13.74
N HIS A 274 -6.60 -10.78 -14.84
CA HIS A 274 -6.70 -11.90 -15.76
C HIS A 274 -6.21 -13.17 -15.08
N ILE A 275 -6.98 -14.24 -15.20
CA ILE A 275 -6.64 -15.56 -14.65
C ILE A 275 -6.77 -16.58 -15.80
N GLU A 276 -6.04 -16.34 -16.87
CA GLU A 276 -6.12 -17.17 -18.08
C GLU A 276 -5.80 -18.65 -17.80
N ASP A 277 -4.89 -18.90 -16.86
CA ASP A 277 -4.56 -20.27 -16.40
C ASP A 277 -5.78 -21.03 -15.83
N VAL A 278 -6.64 -20.32 -15.11
CA VAL A 278 -7.86 -20.91 -14.55
C VAL A 278 -8.88 -21.18 -15.68
N GLY A 279 -9.01 -20.23 -16.60
CA GLY A 279 -9.83 -20.43 -17.79
C GLY A 279 -9.73 -19.30 -18.79
N PRO A 280 -10.16 -19.56 -20.04
CA PRO A 280 -10.02 -18.59 -21.12
C PRO A 280 -11.05 -17.46 -20.99
N GLY A 281 -10.59 -16.22 -21.02
CA GLY A 281 -11.42 -15.04 -20.81
C GLY A 281 -12.03 -14.89 -19.41
N LEU A 282 -11.41 -15.50 -18.38
CA LEU A 282 -11.83 -15.30 -17.01
C LEU A 282 -10.90 -14.36 -16.27
N CYS A 283 -11.53 -13.60 -15.38
CA CYS A 283 -10.87 -12.61 -14.58
C CYS A 283 -11.38 -12.72 -13.15
N MET A 284 -10.54 -12.28 -12.22
CA MET A 284 -10.93 -12.14 -10.81
CA MET A 284 -10.92 -12.14 -10.82
C MET A 284 -11.20 -10.64 -10.61
N LEU A 285 -12.18 -10.32 -9.78
CA LEU A 285 -12.36 -8.94 -9.34
C LEU A 285 -11.39 -8.64 -8.20
N ASN A 286 -10.68 -7.52 -8.26
CA ASN A 286 -9.90 -7.05 -7.12
C ASN A 286 -10.75 -6.18 -6.21
N ILE A 287 -11.79 -6.81 -5.66
CA ILE A 287 -12.81 -6.16 -4.85
C ILE A 287 -13.12 -7.13 -3.74
N ILE A 288 -13.10 -6.66 -2.49
CA ILE A 288 -13.34 -7.50 -1.33
C ILE A 288 -14.36 -6.79 -0.43
N GLY A 289 -15.32 -7.55 0.10
CA GLY A 289 -16.26 -7.04 1.09
C GLY A 289 -15.64 -7.00 2.48
N LEU A 290 -15.79 -5.88 3.17
CA LEU A 290 -15.13 -5.61 4.43
C LEU A 290 -15.81 -4.45 5.10
N ASP A 291 -16.22 -4.69 6.34
CA ASP A 291 -16.95 -3.74 7.16
C ASP A 291 -16.06 -3.18 8.26
N PHE A 292 -15.83 -1.88 8.18
CA PHE A 292 -15.22 -1.10 9.25
C PHE A 292 -16.38 -0.67 10.11
N PRO A 293 -16.11 -0.21 11.35
CA PRO A 293 -17.16 0.31 12.23
C PRO A 293 -18.02 1.38 11.57
N VAL A 294 -17.38 2.28 10.84
CA VAL A 294 -18.04 3.30 10.04
C VAL A 294 -17.91 2.85 8.58
N PRO A 295 -18.96 2.99 7.77
CA PRO A 295 -18.82 2.55 6.36
C PRO A 295 -17.62 3.15 5.58
N THR A 296 -16.78 2.26 5.07
CA THR A 296 -15.47 2.58 4.56
C THR A 296 -15.13 1.78 3.30
N PHE A 297 -14.47 2.46 2.35
CA PHE A 297 -13.83 1.83 1.22
C PHE A 297 -12.33 1.98 1.36
N ILE A 298 -11.56 0.93 1.07
CA ILE A 298 -10.12 1.07 0.85
C ILE A 298 -9.89 1.23 -0.64
N LEU A 299 -9.30 2.37 -1.00
CA LEU A 299 -8.88 2.62 -2.35
C LEU A 299 -7.42 2.18 -2.43
N GLY A 300 -7.26 0.89 -2.68
CA GLY A 300 -5.98 0.24 -2.71
C GLY A 300 -5.23 0.40 -4.02
N ASP A 301 -4.27 -0.51 -4.20
CA ASP A 301 -3.46 -0.63 -5.43
CA ASP A 301 -3.48 -0.59 -5.43
C ASP A 301 -4.27 -0.30 -6.70
N PRO A 302 -5.42 -0.98 -6.92
CA PRO A 302 -6.10 -0.65 -8.18
C PRO A 302 -6.47 0.83 -8.40
N PHE A 303 -6.82 1.54 -7.33
CA PHE A 303 -7.06 2.99 -7.42
C PHE A 303 -5.76 3.78 -7.74
N MET A 304 -4.69 3.41 -7.02
CA MET A 304 -3.38 4.03 -7.13
C MET A 304 -2.65 3.73 -8.43
N ARG A 305 -3.00 2.63 -9.08
CA ARG A 305 -2.48 2.36 -10.44
CA ARG A 305 -2.46 2.36 -10.42
C ARG A 305 -3.00 3.38 -11.44
N LYS A 306 -4.24 3.84 -11.26
CA LYS A 306 -4.82 4.86 -12.16
C LYS A 306 -4.44 6.29 -11.76
N TYR A 307 -4.42 6.54 -10.45
CA TYR A 307 -4.22 7.87 -9.90
C TYR A 307 -2.91 8.05 -9.13
N PHE A 308 -2.12 9.01 -9.62
CA PHE A 308 -1.04 9.59 -8.86
C PHE A 308 -1.61 10.13 -7.57
N THR A 309 -0.84 10.00 -6.49
CA THR A 309 -1.31 10.36 -5.16
C THR A 309 -0.21 11.04 -4.33
N VAL A 310 -0.59 12.11 -3.65
CA VAL A 310 0.31 12.94 -2.84
C VAL A 310 -0.12 12.80 -1.40
N PHE A 311 0.77 12.29 -0.54
CA PHE A 311 0.49 12.09 0.87
C PHE A 311 1.22 13.20 1.64
N ASP A 312 0.45 14.14 2.18
CA ASP A 312 1.00 15.39 2.74
C ASP A 312 0.76 15.42 4.25
N TYR A 313 1.84 15.19 5.02
CA TYR A 313 1.76 15.33 6.47
C TYR A 313 1.48 16.79 6.92
N ASP A 314 2.22 17.77 6.39
CA ASP A 314 2.08 19.16 6.84
C ASP A 314 0.69 19.75 6.58
N ASN A 315 0.14 19.47 5.40
CA ASN A 315 -1.19 19.94 5.04
C ASN A 315 -2.34 18.95 5.37
N GLN A 316 -2.04 17.84 6.04
CA GLN A 316 -3.07 16.85 6.41
C GLN A 316 -4.07 16.63 5.27
N SER A 317 -3.53 16.18 4.13
CA SER A 317 -4.28 16.09 2.88
CA SER A 317 -4.35 15.98 2.94
C SER A 317 -3.74 14.95 2.01
N VAL A 318 -4.56 14.51 1.05
CA VAL A 318 -4.15 13.58 0.01
C VAL A 318 -4.45 14.26 -1.34
N GLY A 319 -3.40 14.47 -2.12
CA GLY A 319 -3.55 15.00 -3.47
C GLY A 319 -3.78 13.86 -4.43
N ILE A 320 -4.73 14.03 -5.36
CA ILE A 320 -5.10 12.97 -6.32
C ILE A 320 -5.13 13.57 -7.73
N ALA A 321 -4.57 12.83 -8.67
CA ALA A 321 -4.49 13.26 -10.05
C ALA A 321 -4.28 12.05 -10.92
N LEU A 322 -4.80 12.12 -12.15
CA LEU A 322 -4.68 11.05 -13.11
C LEU A 322 -3.21 10.84 -13.51
N ALA A 323 -2.71 9.62 -13.28
CA ALA A 323 -1.34 9.25 -13.64
C ALA A 323 -1.11 9.26 -15.15
N LYS A 324 0.09 9.65 -15.58
CA LYS A 324 0.44 9.59 -17.00
C LYS A 324 0.70 8.14 -17.40
N LYS A 325 0.22 7.76 -18.58
CA LYS A 325 0.30 6.37 -19.04
C LYS A 325 1.74 5.88 -19.17
N ASN A 326 2.65 6.79 -19.50
CA ASN A 326 4.09 6.58 -19.30
C ASN A 326 4.86 7.89 -19.27
N LEU A 327 6.08 7.82 -18.75
CA LEU A 327 6.88 9.00 -18.43
C LEU A 327 7.66 9.52 -19.64
#